data_4HUP
#
_entry.id   4HUP
#
_cell.length_a   67.723
_cell.length_b   67.723
_cell.length_c   140.592
_cell.angle_alpha   90.000
_cell.angle_beta   90.000
_cell.angle_gamma   90.000
#
_symmetry.space_group_name_H-M   'P 41 21 2'
#
loop_
_entity.id
_entity.type
_entity.pdbx_description
1 polymer Ricin
2 non-polymer '(2S)-2-[[(2S)-2-[2-[(2-azanyl-4-oxidanylidene-1H-pteridin-7-yl)carbonylamino]ethanoylamino]-3-phenyl-propanoyl]amino]-3-phenyl-propanoic acid'
3 non-polymer 'SULFATE ION'
4 non-polymer 'MALONIC ACID'
5 water water
#
_entity_poly.entity_id   1
_entity_poly.type   'polypeptide(L)'
_entity_poly.pdbx_seq_one_letter_code
;IFPKQYPIINFTTAGATVQSYTNFIRAVRGRLTTGADVRHEIPVLPNRVGLPINQRFILVELSNHAELSVTLALDVTNAY
VVGYRAGNSAYFFHPDNQEDAEAITHLFTDVQNRYTFAFGGNYDRLEQLAGNLRENIELGNGPLEEAISALYYYSTGGTQ
LPTLARSFIICIQMISEAARFQYIEGEMRTRIRYNRRSAPDPSVITLENSWGRLSTAIQESNQGAFASPIQLQRRNGSKF
SVYDVSILIPIIALMVYRCAPPPSSQF
;
_entity_poly.pdbx_strand_id   X
#
# COMPACT_ATOMS: atom_id res chain seq x y z
N GLN A 5 -20.64 3.67 1.89
CA GLN A 5 -20.77 3.84 0.45
C GLN A 5 -19.41 3.77 -0.28
N TYR A 6 -18.31 3.93 0.45
CA TYR A 6 -16.99 3.68 -0.14
C TYR A 6 -16.91 2.23 -0.57
N PRO A 7 -16.26 1.97 -1.71
CA PRO A 7 -16.11 0.62 -2.26
C PRO A 7 -15.40 -0.30 -1.28
N ILE A 8 -15.80 -1.57 -1.26
CA ILE A 8 -15.17 -2.56 -0.40
C ILE A 8 -14.64 -3.71 -1.25
N ILE A 9 -13.36 -4.05 -1.04
CA ILE A 9 -12.78 -5.21 -1.69
C ILE A 9 -12.45 -6.22 -0.58
N ASN A 10 -12.87 -7.47 -0.77
CA ASN A 10 -12.65 -8.52 0.23
C ASN A 10 -11.47 -9.41 -0.12
N PHE A 11 -10.72 -9.84 0.89
CA PHE A 11 -9.70 -10.86 0.73
C PHE A 11 -9.59 -11.68 2.03
N THR A 12 -9.39 -12.98 1.87
CA THR A 12 -9.13 -13.82 3.02
C THR A 12 -7.83 -14.59 2.87
N THR A 13 -7.05 -14.66 3.95
CA THR A 13 -5.83 -15.43 3.94
C THR A 13 -6.14 -16.93 4.03
N ALA A 14 -7.36 -17.25 4.47
CA ALA A 14 -7.77 -18.65 4.61
C ALA A 14 -7.81 -19.32 3.25
N GLY A 15 -6.96 -20.32 3.05
CA GLY A 15 -6.91 -21.03 1.78
C GLY A 15 -6.48 -20.16 0.59
N ALA A 16 -5.81 -19.05 0.87
CA ALA A 16 -5.37 -18.15 -0.19
C ALA A 16 -4.49 -18.84 -1.22
N THR A 17 -4.70 -18.48 -2.49
CA THR A 17 -3.88 -19.01 -3.57
C THR A 17 -3.35 -17.83 -4.38
N VAL A 18 -2.44 -18.11 -5.30
CA VAL A 18 -1.96 -17.09 -6.20
C VAL A 18 -3.12 -16.41 -6.92
N GLN A 19 -4.09 -17.20 -7.37
CA GLN A 19 -5.21 -16.63 -8.11
C GLN A 19 -6.08 -15.74 -7.24
N SER A 20 -6.40 -16.17 -6.03
CA SER A 20 -7.29 -15.33 -5.21
C SER A 20 -6.59 -14.04 -4.79
N TYR A 21 -5.29 -14.13 -4.57
CA TYR A 21 -4.50 -12.95 -4.24
C TYR A 21 -4.44 -12.01 -5.44
N THR A 22 -4.14 -12.58 -6.60
CA THR A 22 -4.14 -11.83 -7.86
C THR A 22 -5.47 -11.12 -8.09
N ASN A 23 -6.57 -11.85 -7.91
CA ASN A 23 -7.89 -11.24 -8.08
C ASN A 23 -8.06 -10.06 -7.16
N PHE A 24 -7.59 -10.22 -5.93
CA PHE A 24 -7.69 -9.20 -4.90
C PHE A 24 -6.92 -7.96 -5.32
N ILE A 25 -5.64 -8.13 -5.65
CA ILE A 25 -4.81 -6.98 -6.01
C ILE A 25 -5.37 -6.25 -7.24
N ARG A 26 -5.83 -7.02 -8.22
CA ARG A 26 -6.41 -6.41 -9.42
C ARG A 26 -7.65 -5.60 -9.08
N ALA A 27 -8.46 -6.12 -8.16
CA ALA A 27 -9.67 -5.40 -7.77
C ALA A 27 -9.33 -4.10 -7.02
N VAL A 28 -8.29 -4.14 -6.18
CA VAL A 28 -7.90 -2.94 -5.47
C VAL A 28 -7.44 -1.86 -6.45
N ARG A 29 -6.59 -2.24 -7.39
CA ARG A 29 -6.13 -1.28 -8.38
C ARG A 29 -7.30 -0.68 -9.19
N GLY A 30 -8.29 -1.53 -9.50
CA GLY A 30 -9.45 -1.09 -10.25
C GLY A 30 -10.26 -0.02 -9.54
N ARG A 31 -10.29 -0.10 -8.20
CA ARG A 31 -10.99 0.88 -7.37
C ARG A 31 -10.14 2.10 -7.06
N LEU A 32 -8.82 1.97 -7.18
CA LEU A 32 -7.91 3.10 -6.93
C LEU A 32 -7.84 4.07 -8.12
N THR A 33 -7.79 3.52 -9.32
CA THR A 33 -7.65 4.32 -10.54
C THR A 33 -8.98 4.50 -11.25
N THR A 34 -9.10 5.58 -12.03
CA THR A 34 -10.36 5.91 -12.69
C THR A 34 -10.27 5.70 -14.19
N GLY A 35 -9.05 5.50 -14.68
CA GLY A 35 -8.83 5.41 -16.11
C GLY A 35 -8.64 6.78 -16.74
N ALA A 36 -8.80 7.84 -15.94
CA ALA A 36 -8.68 9.20 -16.46
C ALA A 36 -7.24 9.62 -16.76
N ASP A 37 -6.27 8.94 -16.15
CA ASP A 37 -4.89 9.39 -16.25
C ASP A 37 -3.97 8.21 -16.42
N VAL A 38 -3.41 8.06 -17.62
CA VAL A 38 -2.46 7.01 -17.91
C VAL A 38 -1.30 7.62 -18.69
N ARG A 39 -0.08 7.39 -18.23
CA ARG A 39 1.07 8.00 -18.86
C ARG A 39 2.14 6.95 -19.12
N HIS A 40 2.59 6.91 -20.37
CA HIS A 40 3.51 5.86 -20.81
C HIS A 40 2.96 4.49 -20.43
N GLU A 41 1.64 4.39 -20.51
CA GLU A 41 0.92 3.15 -20.26
C GLU A 41 0.82 2.82 -18.78
N ILE A 42 1.24 3.74 -17.92
CA ILE A 42 1.17 3.53 -16.47
C ILE A 42 0.10 4.41 -15.84
N PRO A 43 -0.89 3.79 -15.19
CA PRO A 43 -1.98 4.58 -14.58
C PRO A 43 -1.49 5.47 -13.47
N VAL A 44 -2.11 6.65 -13.35
CA VAL A 44 -1.81 7.57 -12.28
C VAL A 44 -3.02 7.63 -11.37
N LEU A 45 -2.78 7.68 -10.06
CA LEU A 45 -3.87 7.80 -9.11
C LEU A 45 -4.51 9.18 -9.18
N PRO A 46 -5.72 9.31 -8.63
CA PRO A 46 -6.42 10.60 -8.69
C PRO A 46 -5.63 11.71 -8.00
N ASN A 47 -5.71 12.89 -8.58
CA ASN A 47 -5.15 14.09 -7.98
C ASN A 47 -5.95 14.47 -6.72
N ARG A 48 -5.25 14.62 -5.61
CA ARG A 48 -5.87 15.05 -4.37
C ARG A 48 -6.57 16.41 -4.53
N VAL A 49 -6.05 17.26 -5.41
CA VAL A 49 -6.62 18.60 -5.62
C VAL A 49 -7.98 18.51 -6.31
N GLY A 50 -9.02 18.92 -5.60
CA GLY A 50 -10.38 18.89 -6.14
C GLY A 50 -11.07 17.54 -6.08
N LEU A 51 -10.48 16.57 -5.37
CA LEU A 51 -11.09 15.26 -5.28
C LEU A 51 -12.22 15.28 -4.26
N PRO A 52 -13.45 14.96 -4.72
CA PRO A 52 -14.57 14.97 -3.76
C PRO A 52 -14.38 13.94 -2.66
N ILE A 53 -14.77 14.31 -1.44
CA ILE A 53 -14.63 13.41 -0.29
C ILE A 53 -15.31 12.06 -0.51
N ASN A 54 -16.40 12.05 -1.29
CA ASN A 54 -17.14 10.80 -1.52
C ASN A 54 -16.40 9.82 -2.45
N GLN A 55 -15.24 10.25 -2.94
CA GLN A 55 -14.45 9.42 -3.85
C GLN A 55 -13.04 9.21 -3.30
N ARG A 56 -12.82 9.59 -2.05
CA ARG A 56 -11.46 9.72 -1.51
C ARG A 56 -10.86 8.40 -0.96
N PHE A 57 -11.70 7.47 -0.55
CA PHE A 57 -11.26 6.25 0.12
C PHE A 57 -11.82 4.99 -0.50
N ILE A 58 -11.10 3.88 -0.31
CA ILE A 58 -11.66 2.55 -0.55
C ILE A 58 -11.42 1.71 0.69
N LEU A 59 -12.18 0.63 0.82
CA LEU A 59 -12.11 -0.22 2.01
C LEU A 59 -11.65 -1.62 1.61
N VAL A 60 -10.76 -2.17 2.43
CA VAL A 60 -10.28 -3.52 2.19
C VAL A 60 -10.63 -4.40 3.38
N GLU A 61 -11.52 -5.36 3.16
CA GLU A 61 -11.99 -6.21 4.23
C GLU A 61 -11.16 -7.47 4.25
N LEU A 62 -10.37 -7.63 5.30
CA LEU A 62 -9.49 -8.76 5.47
C LEU A 62 -10.08 -9.76 6.44
N SER A 63 -10.09 -11.02 6.05
CA SER A 63 -10.56 -12.08 6.94
C SER A 63 -9.48 -13.15 6.97
N ASN A 64 -9.44 -13.94 8.03
CA ASN A 64 -8.45 -15.02 8.12
C ASN A 64 -9.05 -16.37 8.52
N HIS A 65 -8.19 -17.38 8.64
CA HIS A 65 -8.60 -18.73 9.03
C HIS A 65 -9.14 -18.78 10.45
N ALA A 66 -8.67 -17.86 11.29
CA ALA A 66 -9.15 -17.77 12.66
C ALA A 66 -10.57 -17.22 12.75
N GLU A 67 -11.16 -16.91 11.59
CA GLU A 67 -12.52 -16.35 11.50
C GLU A 67 -12.60 -14.93 12.05
N LEU A 68 -11.52 -14.18 11.90
CA LEU A 68 -11.50 -12.80 12.35
C LEU A 68 -11.50 -11.90 11.12
N SER A 69 -11.98 -10.67 11.29
CA SER A 69 -12.01 -9.71 10.20
CA SER A 69 -12.03 -9.71 10.20
C SER A 69 -11.64 -8.31 10.67
N VAL A 70 -10.94 -7.58 9.81
CA VAL A 70 -10.63 -6.18 10.05
C VAL A 70 -10.81 -5.46 8.72
N THR A 71 -11.09 -4.15 8.76
CA THR A 71 -11.24 -3.37 7.52
C THR A 71 -10.24 -2.23 7.45
N LEU A 72 -9.40 -2.25 6.41
CA LEU A 72 -8.43 -1.18 6.22
C LEU A 72 -9.03 -0.08 5.34
N ALA A 73 -8.66 1.15 5.63
CA ALA A 73 -9.06 2.27 4.78
C ALA A 73 -7.83 2.74 4.00
N LEU A 74 -7.96 2.78 2.68
CA LEU A 74 -6.89 3.27 1.82
C LEU A 74 -7.29 4.58 1.15
N ASP A 75 -6.37 5.53 1.15
CA ASP A 75 -6.54 6.82 0.53
C ASP A 75 -6.27 6.62 -0.97
N VAL A 76 -7.21 6.98 -1.85
CA VAL A 76 -7.02 6.67 -3.27
C VAL A 76 -5.93 7.49 -3.93
N THR A 77 -5.57 8.62 -3.33
CA THR A 77 -4.53 9.48 -3.92
C THR A 77 -3.14 8.85 -3.84
N ASN A 78 -2.93 7.93 -2.91
CA ASN A 78 -1.59 7.34 -2.73
C ASN A 78 -1.58 5.86 -2.34
N ALA A 79 -2.76 5.26 -2.24
CA ALA A 79 -2.93 3.86 -1.80
C ALA A 79 -2.53 3.64 -0.34
N TYR A 80 -2.35 4.75 0.38
CA TYR A 80 -1.89 4.73 1.76
C TYR A 80 -2.95 4.19 2.73
N VAL A 81 -2.53 3.32 3.65
CA VAL A 81 -3.46 2.82 4.66
C VAL A 81 -3.59 3.85 5.77
N VAL A 82 -4.77 4.46 5.92
CA VAL A 82 -4.89 5.58 6.86
C VAL A 82 -5.46 5.17 8.22
N GLY A 83 -5.95 3.95 8.32
CA GLY A 83 -6.49 3.44 9.56
C GLY A 83 -7.27 2.16 9.34
N TYR A 84 -7.87 1.64 10.39
CA TYR A 84 -8.61 0.39 10.25
C TYR A 84 -9.76 0.25 11.24
N ARG A 85 -10.69 -0.62 10.91
CA ARG A 85 -11.78 -0.95 11.82
C ARG A 85 -11.71 -2.41 12.26
N ALA A 86 -11.92 -2.66 13.55
CA ALA A 86 -12.13 -4.01 14.05
C ALA A 86 -13.34 -3.98 14.96
N GLY A 87 -14.46 -4.55 14.50
CA GLY A 87 -15.69 -4.54 15.26
C GLY A 87 -16.11 -3.12 15.63
N ASN A 88 -16.16 -2.85 16.94
CA ASN A 88 -16.67 -1.57 17.47
C ASN A 88 -15.63 -0.49 17.67
N SER A 89 -14.40 -0.74 17.22
CA SER A 89 -13.35 0.25 17.35
C SER A 89 -12.73 0.55 15.98
N ALA A 90 -12.32 1.79 15.79
CA ALA A 90 -11.58 2.16 14.61
C ALA A 90 -10.36 2.94 15.04
N TYR A 91 -9.26 2.78 14.31
CA TYR A 91 -8.01 3.42 14.67
C TYR A 91 -7.42 4.11 13.46
N PHE A 92 -7.03 5.37 13.59
CA PHE A 92 -6.43 6.10 12.48
C PHE A 92 -5.03 6.60 12.82
N PHE A 93 -4.10 6.50 11.87
CA PHE A 93 -2.79 7.10 12.04
C PHE A 93 -2.92 8.62 12.12
N HIS A 94 -1.92 9.26 12.73
CA HIS A 94 -1.91 10.71 12.90
C HIS A 94 -1.83 11.40 11.54
N PRO A 95 -2.83 12.22 11.23
CA PRO A 95 -2.88 12.87 9.90
C PRO A 95 -1.73 13.84 9.66
N ASP A 96 -1.32 13.97 8.39
CA ASP A 96 -0.26 14.88 7.98
C ASP A 96 -0.72 16.34 7.97
N ASN A 97 -2.03 16.56 7.96
CA ASN A 97 -2.57 17.91 7.82
C ASN A 97 -4.06 18.00 8.13
N GLN A 98 -4.56 19.22 8.29
CA GLN A 98 -5.98 19.45 8.61
C GLN A 98 -6.95 18.80 7.64
N GLU A 99 -6.71 18.97 6.34
CA GLU A 99 -7.60 18.45 5.33
C GLU A 99 -7.75 16.93 5.48
N ASP A 100 -6.63 16.26 5.73
CA ASP A 100 -6.66 14.81 5.96
C ASP A 100 -7.40 14.44 7.24
N ALA A 101 -7.20 15.23 8.30
CA ALA A 101 -7.90 14.97 9.56
C ALA A 101 -9.41 15.04 9.35
N GLU A 102 -9.86 16.01 8.56
CA GLU A 102 -11.28 16.14 8.28
C GLU A 102 -11.76 14.96 7.44
N ALA A 103 -10.94 14.58 6.47
CA ALA A 103 -11.34 13.52 5.54
C ALA A 103 -11.60 12.20 6.28
N ILE A 104 -10.76 11.89 7.25
CA ILE A 104 -10.93 10.62 7.96
C ILE A 104 -12.15 10.58 8.88
N THR A 105 -12.76 11.74 9.14
CA THR A 105 -14.01 11.74 9.90
C THR A 105 -15.12 11.09 9.08
N HIS A 106 -14.90 10.96 7.78
CA HIS A 106 -15.91 10.37 6.90
C HIS A 106 -15.82 8.84 6.84
N LEU A 107 -14.83 8.28 7.54
CA LEU A 107 -14.63 6.83 7.59
C LEU A 107 -15.19 6.18 8.86
N PHE A 108 -15.79 5.01 8.69
CA PHE A 108 -16.27 4.21 9.83
C PHE A 108 -17.10 5.08 10.76
N THR A 109 -18.08 5.78 10.18
CA THR A 109 -18.80 6.82 10.91
C THR A 109 -19.64 6.33 12.10
N ASP A 110 -20.09 5.07 12.05
CA ASP A 110 -20.96 4.54 13.11
C ASP A 110 -20.23 3.67 14.13
N VAL A 111 -18.90 3.65 14.05
CA VAL A 111 -18.09 2.93 15.02
C VAL A 111 -18.17 3.69 16.35
N GLN A 112 -18.36 2.97 17.45
CA GLN A 112 -18.59 3.65 18.72
C GLN A 112 -17.33 4.06 19.47
N ASN A 113 -16.19 3.51 19.05
CA ASN A 113 -14.91 3.89 19.64
C ASN A 113 -13.90 4.33 18.57
N ARG A 114 -13.76 5.64 18.41
CA ARG A 114 -12.81 6.20 17.44
C ARG A 114 -11.53 6.67 18.12
N TYR A 115 -10.39 6.18 17.64
CA TYR A 115 -9.11 6.63 18.14
C TYR A 115 -8.21 7.08 17.02
N THR A 116 -7.46 8.15 17.27
CA THR A 116 -6.40 8.56 16.38
C THR A 116 -5.06 8.38 17.10
N PHE A 117 -4.20 7.53 16.56
CA PHE A 117 -2.88 7.32 17.15
C PHE A 117 -2.13 8.65 17.22
N ALA A 118 -1.24 8.80 18.19
CA ALA A 118 -0.44 10.01 18.27
C ALA A 118 0.73 9.95 17.30
N PHE A 119 0.92 8.78 16.66
CA PHE A 119 2.02 8.60 15.71
C PHE A 119 1.47 8.45 14.29
N GLY A 120 2.25 8.88 13.31
CA GLY A 120 1.89 8.73 11.91
C GLY A 120 2.13 7.31 11.42
N GLY A 121 1.75 7.02 10.19
CA GLY A 121 1.80 5.67 9.66
C GLY A 121 2.93 5.31 8.72
N ASN A 122 3.95 6.15 8.60
CA ASN A 122 5.06 5.85 7.70
C ASN A 122 5.94 4.70 8.22
N TYR A 123 6.65 4.05 7.32
CA TYR A 123 7.50 2.91 7.69
C TYR A 123 8.48 3.26 8.80
N ASP A 124 9.12 4.42 8.72
CA ASP A 124 10.14 4.79 9.70
CA ASP A 124 10.14 4.79 9.70
C ASP A 124 9.58 4.73 11.12
N ARG A 125 8.43 5.38 11.32
CA ARG A 125 7.78 5.38 12.61
C ARG A 125 7.38 3.96 13.03
N LEU A 126 6.76 3.23 12.10
CA LEU A 126 6.28 1.89 12.43
C LEU A 126 7.43 0.93 12.74
N GLU A 127 8.55 1.07 12.03
CA GLU A 127 9.71 0.20 12.27
C GLU A 127 10.29 0.48 13.66
N GLN A 128 10.28 1.73 14.08
CA GLN A 128 10.74 2.09 15.43
C GLN A 128 9.87 1.44 16.48
N LEU A 129 8.55 1.56 16.31
CA LEU A 129 7.63 0.97 17.25
C LEU A 129 7.75 -0.56 17.22
N ALA A 130 7.90 -1.14 16.03
CA ALA A 130 8.00 -2.59 15.89
C ALA A 130 9.27 -3.19 16.48
N GLY A 131 10.32 -2.38 16.58
CA GLY A 131 11.61 -2.88 17.03
C GLY A 131 12.31 -3.64 15.93
N ASN A 132 11.78 -3.59 14.71
CA ASN A 132 12.40 -4.23 13.55
C ASN A 132 12.21 -3.43 12.28
N LEU A 133 13.18 -3.55 11.37
CA LEU A 133 13.09 -2.91 10.06
C LEU A 133 12.36 -3.82 9.08
N ARG A 134 11.88 -3.26 7.99
CA ARG A 134 11.21 -4.06 6.97
C ARG A 134 12.05 -5.28 6.55
N GLU A 135 13.35 -5.10 6.44
CA GLU A 135 14.22 -6.16 5.93
C GLU A 135 14.28 -7.36 6.86
N ASN A 136 13.75 -7.20 8.07
CA ASN A 136 13.74 -8.26 9.06
C ASN A 136 12.33 -8.72 9.44
N ILE A 137 11.33 -8.32 8.66
CA ILE A 137 9.95 -8.71 8.96
C ILE A 137 9.40 -9.60 7.84
N GLU A 138 9.14 -10.86 8.16
CA GLU A 138 8.71 -11.79 7.13
C GLU A 138 7.33 -11.44 6.58
N LEU A 139 7.19 -11.62 5.27
CA LEU A 139 5.94 -11.39 4.56
C LEU A 139 5.47 -12.71 3.95
N GLY A 140 4.18 -12.78 3.62
CA GLY A 140 3.60 -13.99 3.07
C GLY A 140 2.23 -14.22 3.67
N ASN A 141 1.62 -15.35 3.35
CA ASN A 141 0.27 -15.60 3.80
C ASN A 141 0.18 -15.81 5.32
N GLY A 142 1.17 -16.50 5.87
CA GLY A 142 1.23 -16.72 7.31
C GLY A 142 1.31 -15.43 8.08
N PRO A 143 2.28 -14.56 7.74
CA PRO A 143 2.36 -13.23 8.37
C PRO A 143 1.08 -12.40 8.23
N LEU A 144 0.40 -12.48 7.09
CA LEU A 144 -0.82 -11.71 6.91
C LEU A 144 -1.96 -12.27 7.78
N GLU A 145 -2.08 -13.60 7.80
CA GLU A 145 -3.02 -14.28 8.69
C GLU A 145 -2.81 -13.81 10.13
N GLU A 146 -1.56 -13.80 10.57
CA GLU A 146 -1.24 -13.44 11.95
C GLU A 146 -1.45 -11.94 12.18
N ALA A 147 -1.17 -11.15 11.16
CA ALA A 147 -1.37 -9.70 11.22
C ALA A 147 -2.83 -9.35 11.44
N ILE A 148 -3.71 -10.06 10.75
CA ILE A 148 -5.14 -9.83 10.86
C ILE A 148 -5.62 -10.09 12.30
N SER A 149 -5.15 -11.17 12.90
CA SER A 149 -5.54 -11.47 14.29
C SER A 149 -5.01 -10.40 15.24
N ALA A 150 -3.76 -10.01 15.02
CA ALA A 150 -3.15 -8.98 15.86
C ALA A 150 -3.94 -7.68 15.80
N LEU A 151 -4.27 -7.21 14.59
CA LEU A 151 -5.04 -5.98 14.48
C LEU A 151 -6.39 -6.14 15.19
N TYR A 152 -6.97 -7.32 15.09
CA TYR A 152 -8.30 -7.54 15.63
C TYR A 152 -8.28 -7.44 17.15
N TYR A 153 -7.22 -7.93 17.78
CA TYR A 153 -7.18 -8.02 19.24
C TYR A 153 -6.60 -6.79 19.93
N TYR A 154 -6.20 -5.79 19.16
CA TYR A 154 -5.54 -4.62 19.75
C TYR A 154 -6.37 -3.95 20.85
N SER A 155 -7.65 -3.74 20.59
CA SER A 155 -8.48 -2.94 21.47
C SER A 155 -8.66 -3.56 22.85
N THR A 156 -8.40 -4.86 22.97
CA THR A 156 -8.64 -5.53 24.24
C THR A 156 -7.35 -5.88 24.99
N GLY A 157 -6.24 -5.29 24.55
CA GLY A 157 -4.98 -5.45 25.25
C GLY A 157 -4.18 -6.66 24.86
N GLY A 158 -4.76 -7.49 23.98
CA GLY A 158 -4.14 -8.74 23.58
C GLY A 158 -2.92 -8.51 22.71
N THR A 159 -2.89 -7.38 22.01
CA THR A 159 -1.81 -7.09 21.08
C THR A 159 -0.89 -5.99 21.60
N GLN A 160 0.39 -6.29 21.73
CA GLN A 160 1.35 -5.27 22.13
C GLN A 160 1.49 -4.28 20.99
N LEU A 161 1.86 -3.04 21.29
CA LEU A 161 2.08 -2.05 20.24
C LEU A 161 3.19 -2.49 19.26
N PRO A 162 4.28 -3.08 19.79
CA PRO A 162 5.30 -3.52 18.83
C PRO A 162 4.72 -4.47 17.77
N THR A 163 3.90 -5.40 18.22
CA THR A 163 3.30 -6.39 17.33
C THR A 163 2.21 -5.79 16.42
N LEU A 164 1.55 -4.75 16.91
CA LEU A 164 0.60 -4.00 16.07
C LEU A 164 1.33 -3.31 14.91
N ALA A 165 2.41 -2.61 15.23
CA ALA A 165 3.18 -1.87 14.23
C ALA A 165 3.79 -2.83 13.21
N ARG A 166 4.31 -3.95 13.71
CA ARG A 166 4.82 -5.00 12.84
C ARG A 166 3.72 -5.51 11.90
N SER A 167 2.51 -5.63 12.44
CA SER A 167 1.38 -6.15 11.68
C SER A 167 0.92 -5.16 10.64
N PHE A 168 0.95 -3.87 10.97
CA PHE A 168 0.71 -2.83 9.97
C PHE A 168 1.72 -2.94 8.83
N ILE A 169 3.00 -3.07 9.18
CA ILE A 169 4.05 -3.17 8.16
C ILE A 169 3.79 -4.32 7.18
N ILE A 170 3.33 -5.45 7.69
CA ILE A 170 2.97 -6.58 6.84
C ILE A 170 1.80 -6.22 5.91
N CYS A 171 0.70 -5.73 6.47
CA CYS A 171 -0.47 -5.34 5.68
C CYS A 171 -0.16 -4.32 4.60
N ILE A 172 0.57 -3.28 4.95
CA ILE A 172 0.85 -2.22 4.00
C ILE A 172 1.60 -2.80 2.79
N GLN A 173 2.59 -3.65 3.03
CA GLN A 173 3.38 -4.12 1.92
C GLN A 173 2.61 -5.12 1.07
N MET A 174 1.79 -5.94 1.72
CA MET A 174 1.09 -6.98 0.99
C MET A 174 -0.14 -6.46 0.26
N ILE A 175 -0.59 -5.27 0.63
CA ILE A 175 -1.76 -4.68 -0.01
C ILE A 175 -1.38 -3.42 -0.80
N SER A 176 -0.93 -2.38 -0.10
CA SER A 176 -0.62 -1.11 -0.77
C SER A 176 0.59 -1.20 -1.72
N GLU A 177 1.71 -1.74 -1.24
CA GLU A 177 2.87 -1.87 -2.13
C GLU A 177 2.64 -2.84 -3.29
N ALA A 178 1.92 -3.92 -3.05
CA ALA A 178 1.58 -4.85 -4.11
C ALA A 178 0.70 -4.19 -5.16
N ALA A 179 -0.23 -3.35 -4.72
CA ALA A 179 -1.07 -2.59 -5.64
C ALA A 179 -0.23 -1.61 -6.47
N ARG A 180 0.77 -1.00 -5.85
CA ARG A 180 1.58 -0.01 -6.55
C ARG A 180 2.53 -0.64 -7.55
N PHE A 181 3.03 -1.84 -7.25
CA PHE A 181 4.09 -2.46 -8.05
C PHE A 181 3.75 -3.89 -8.45
N GLN A 182 3.61 -4.17 -9.74
CA GLN A 182 3.47 -5.56 -10.16
C GLN A 182 4.60 -6.40 -9.61
N TYR A 183 5.80 -5.81 -9.55
CA TYR A 183 6.94 -6.55 -9.02
C TYR A 183 6.70 -7.09 -7.62
N ILE A 184 6.12 -6.25 -6.75
CA ILE A 184 5.92 -6.62 -5.36
C ILE A 184 4.74 -7.58 -5.25
N GLU A 185 3.71 -7.35 -6.06
CA GLU A 185 2.64 -8.32 -6.16
C GLU A 185 3.21 -9.69 -6.48
N GLY A 186 4.15 -9.73 -7.43
CA GLY A 186 4.75 -10.99 -7.85
C GLY A 186 5.54 -11.65 -6.75
N GLU A 187 6.27 -10.84 -6.00
CA GLU A 187 6.96 -11.30 -4.81
C GLU A 187 6.00 -11.91 -3.80
N MET A 188 4.85 -11.31 -3.63
CA MET A 188 3.89 -11.89 -2.69
C MET A 188 3.25 -13.16 -3.28
N ARG A 189 2.99 -13.20 -4.58
CA ARG A 189 2.47 -14.42 -5.22
C ARG A 189 3.37 -15.62 -4.91
N THR A 190 4.66 -15.42 -5.10
CA THR A 190 5.65 -16.47 -4.87
C THR A 190 5.53 -17.04 -3.46
N ARG A 191 5.49 -16.15 -2.48
CA ARG A 191 5.42 -16.54 -1.08
C ARG A 191 4.12 -17.31 -0.81
N ILE A 192 3.04 -16.87 -1.43
CA ILE A 192 1.76 -17.53 -1.25
C ILE A 192 1.72 -18.90 -1.93
N ARG A 193 2.25 -18.97 -3.15
CA ARG A 193 2.24 -20.21 -3.91
C ARG A 193 2.91 -21.35 -3.13
N TYR A 194 4.06 -21.06 -2.54
CA TYR A 194 4.84 -22.08 -1.82
C TYR A 194 4.60 -22.09 -0.31
N ASN A 195 3.70 -21.22 0.14
CA ASN A 195 3.42 -21.04 1.56
C ASN A 195 4.69 -20.92 2.39
N ARG A 196 5.62 -20.11 1.89
CA ARG A 196 6.91 -19.90 2.52
C ARG A 196 7.14 -18.41 2.79
N ARG A 197 7.03 -18.02 4.05
CA ARG A 197 7.21 -16.62 4.40
C ARG A 197 8.69 -16.23 4.33
N SER A 198 8.96 -14.98 3.96
CA SER A 198 10.33 -14.45 3.95
C SER A 198 10.30 -12.93 3.94
N ALA A 199 11.31 -12.33 4.57
CA ALA A 199 11.47 -10.87 4.54
C ALA A 199 11.71 -10.38 3.12
N PRO A 200 11.34 -9.12 2.84
CA PRO A 200 11.60 -8.53 1.53
C PRO A 200 13.10 -8.29 1.25
N ASP A 201 13.56 -8.65 0.05
CA ASP A 201 14.95 -8.40 -0.31
C ASP A 201 15.13 -6.97 -0.84
N PRO A 202 16.38 -6.57 -1.12
CA PRO A 202 16.62 -5.17 -1.51
C PRO A 202 15.84 -4.69 -2.73
N SER A 203 15.49 -5.57 -3.65
CA SER A 203 14.73 -5.14 -4.82
C SER A 203 13.37 -4.61 -4.37
N VAL A 204 12.78 -5.27 -3.40
CA VAL A 204 11.49 -4.85 -2.88
C VAL A 204 11.59 -3.55 -2.06
N ILE A 205 12.55 -3.51 -1.13
CA ILE A 205 12.74 -2.33 -0.30
C ILE A 205 13.06 -1.07 -1.11
N THR A 206 13.97 -1.16 -2.07
CA THR A 206 14.34 0.01 -2.87
CA THR A 206 14.33 0.03 -2.85
C THR A 206 13.17 0.53 -3.71
N LEU A 207 12.35 -0.39 -4.20
CA LEU A 207 11.18 0.02 -4.98
C LEU A 207 10.23 0.79 -4.08
N GLU A 208 9.96 0.26 -2.90
CA GLU A 208 9.06 0.91 -1.96
C GLU A 208 9.57 2.30 -1.62
N ASN A 209 10.86 2.39 -1.31
CA ASN A 209 11.45 3.67 -0.97
C ASN A 209 11.46 4.67 -2.12
N SER A 210 11.38 4.17 -3.35
CA SER A 210 11.55 5.07 -4.52
C SER A 210 10.27 5.43 -5.26
N TRP A 211 9.13 4.94 -4.77
CA TRP A 211 7.87 5.09 -5.51
C TRP A 211 7.59 6.54 -5.87
N GLY A 212 7.74 7.44 -4.90
CA GLY A 212 7.50 8.84 -5.14
C GLY A 212 8.44 9.41 -6.18
N ARG A 213 9.70 9.04 -6.06
CA ARG A 213 10.74 9.53 -6.96
C ARG A 213 10.58 8.98 -8.38
N LEU A 214 10.26 7.69 -8.50
CA LEU A 214 9.94 7.12 -9.79
C LEU A 214 8.70 7.77 -10.42
N SER A 215 7.67 8.00 -9.61
CA SER A 215 6.46 8.65 -10.08
C SER A 215 6.77 10.02 -10.67
N THR A 216 7.58 10.78 -9.95
CA THR A 216 7.95 12.12 -10.42
C THR A 216 8.84 12.04 -11.64
N ALA A 217 9.84 11.17 -11.62
CA ALA A 217 10.75 11.05 -12.77
C ALA A 217 10.00 10.71 -14.06
N ILE A 218 9.06 9.78 -13.99
CA ILE A 218 8.27 9.42 -15.17
C ILE A 218 7.41 10.58 -15.65
N GLN A 219 6.73 11.24 -14.71
CA GLN A 219 5.77 12.27 -15.11
C GLN A 219 6.50 13.50 -15.62
N GLU A 220 7.73 13.72 -15.14
CA GLU A 220 8.53 14.87 -15.60
C GLU A 220 9.48 14.50 -16.76
N SER A 221 9.48 13.23 -17.16
CA SER A 221 10.39 12.76 -18.20
C SER A 221 10.20 13.47 -19.54
N ASN A 222 11.24 13.46 -20.36
CA ASN A 222 11.12 13.93 -21.72
C ASN A 222 10.82 12.74 -22.63
N GLN A 223 9.55 12.56 -22.95
CA GLN A 223 9.14 11.45 -23.80
C GLN A 223 9.56 10.11 -23.20
N GLY A 224 9.64 10.05 -21.88
CA GLY A 224 9.98 8.80 -21.20
C GLY A 224 11.38 8.74 -20.63
N ALA A 225 12.25 9.63 -21.10
CA ALA A 225 13.65 9.67 -20.69
C ALA A 225 13.84 10.51 -19.43
N PHE A 226 14.44 9.90 -18.39
CA PHE A 226 14.71 10.61 -17.13
C PHE A 226 15.84 11.62 -17.33
N ALA A 227 15.68 12.79 -16.74
CA ALA A 227 16.78 13.77 -16.73
C ALA A 227 17.92 13.27 -15.87
N SER A 228 17.55 12.59 -14.79
CA SER A 228 18.51 12.06 -13.83
C SER A 228 18.17 10.61 -13.59
N PRO A 229 19.13 9.71 -13.84
CA PRO A 229 18.83 8.30 -13.59
C PRO A 229 18.57 8.02 -12.11
N ILE A 230 17.77 6.99 -11.84
CA ILE A 230 17.47 6.58 -10.47
C ILE A 230 18.11 5.23 -10.19
N GLN A 231 18.76 5.11 -9.05
CA GLN A 231 19.41 3.85 -8.73
C GLN A 231 18.48 2.99 -7.86
N LEU A 232 18.26 1.77 -8.30
CA LEU A 232 17.54 0.79 -7.51
C LEU A 232 18.52 -0.33 -7.16
N GLN A 233 18.05 -1.36 -6.47
CA GLN A 233 18.87 -2.52 -6.18
C GLN A 233 18.20 -3.77 -6.71
N ARG A 234 18.98 -4.71 -7.24
CA ARG A 234 18.43 -6.02 -7.57
C ARG A 234 18.39 -6.86 -6.29
N ARG A 235 17.89 -8.08 -6.41
CA ARG A 235 17.79 -9.00 -5.28
C ARG A 235 19.05 -9.13 -4.46
N ASN A 236 20.19 -9.23 -5.14
CA ASN A 236 21.47 -9.46 -4.46
C ASN A 236 22.10 -8.19 -3.90
N GLY A 237 21.36 -7.09 -3.96
CA GLY A 237 21.82 -5.82 -3.41
C GLY A 237 22.61 -4.98 -4.38
N SER A 238 22.90 -5.54 -5.55
CA SER A 238 23.68 -4.82 -6.54
C SER A 238 22.87 -3.71 -7.17
N LYS A 239 23.57 -2.72 -7.72
CA LYS A 239 22.92 -1.54 -8.28
C LYS A 239 22.30 -1.80 -9.64
N PHE A 240 21.21 -1.07 -9.90
CA PHE A 240 20.51 -1.17 -11.17
C PHE A 240 20.05 0.23 -11.50
N SER A 241 20.57 0.79 -12.59
CA SER A 241 20.21 2.16 -12.97
C SER A 241 18.98 2.18 -13.84
N VAL A 242 18.06 3.08 -13.53
CA VAL A 242 16.85 3.30 -14.31
C VAL A 242 16.97 4.64 -15.04
N TYR A 243 16.91 4.60 -16.37
CA TYR A 243 17.10 5.81 -17.20
C TYR A 243 15.83 6.21 -17.91
N ASP A 244 14.82 5.33 -17.85
CA ASP A 244 13.68 5.46 -18.74
C ASP A 244 12.47 4.74 -18.16
N VAL A 245 11.29 5.25 -18.49
CA VAL A 245 10.05 4.63 -18.07
C VAL A 245 9.90 3.22 -18.63
N SER A 246 10.50 2.97 -19.80
CA SER A 246 10.30 1.69 -20.48
C SER A 246 10.55 0.46 -19.60
N ILE A 247 11.66 0.45 -18.85
CA ILE A 247 11.99 -0.72 -18.04
C ILE A 247 11.05 -0.87 -16.86
N LEU A 248 10.30 0.19 -16.54
CA LEU A 248 9.38 0.15 -15.38
C LEU A 248 7.96 -0.30 -15.72
N ILE A 249 7.61 -0.43 -17.00
CA ILE A 249 6.24 -0.81 -17.35
C ILE A 249 5.81 -2.15 -16.73
N PRO A 250 6.70 -3.15 -16.72
CA PRO A 250 6.33 -4.40 -16.05
C PRO A 250 6.51 -4.38 -14.53
N ILE A 251 6.95 -3.25 -13.98
CA ILE A 251 7.39 -3.21 -12.58
C ILE A 251 6.48 -2.36 -11.73
N ILE A 252 6.11 -1.19 -12.26
CA ILE A 252 5.24 -0.29 -11.55
C ILE A 252 3.83 -0.27 -12.14
N ALA A 253 2.84 -0.45 -11.26
CA ALA A 253 1.45 -0.57 -11.66
C ALA A 253 0.67 0.74 -11.58
N LEU A 254 1.03 1.60 -10.63
CA LEU A 254 0.29 2.83 -10.35
C LEU A 254 1.32 3.87 -9.94
N MET A 255 1.08 5.12 -10.29
CA MET A 255 1.89 6.24 -9.79
C MET A 255 1.06 7.21 -8.96
N VAL A 256 1.70 7.88 -8.01
CA VAL A 256 1.07 9.00 -7.33
C VAL A 256 1.10 10.22 -8.26
N TYR A 257 0.04 11.03 -8.24
CA TYR A 257 -0.01 12.23 -9.06
C TYR A 257 1.06 13.22 -8.61
N ARG A 258 1.95 13.61 -9.52
CA ARG A 258 3.05 14.53 -9.14
C ARG A 258 3.02 15.83 -9.93
N CYS A 259 2.70 15.73 -11.22
CA CYS A 259 2.53 16.94 -12.02
C CYS A 259 1.49 16.70 -13.09
N ALA A 260 1.09 17.76 -13.77
CA ALA A 260 0.16 17.64 -14.88
C ALA A 260 0.88 17.08 -16.12
N PRO A 261 0.18 16.27 -16.92
CA PRO A 261 0.80 15.76 -18.14
C PRO A 261 0.94 16.91 -19.13
N PRO A 262 2.15 17.15 -19.62
CA PRO A 262 2.38 18.26 -20.55
C PRO A 262 1.52 18.11 -21.79
N PRO A 263 1.19 19.24 -22.44
CA PRO A 263 0.57 19.11 -23.76
C PRO A 263 1.40 18.15 -24.59
N SER A 264 0.76 17.14 -25.15
CA SER A 264 1.45 16.10 -25.89
C SER A 264 1.99 16.61 -27.23
N SER A 265 3.08 17.38 -27.18
CA SER A 265 3.70 17.94 -28.37
C SER A 265 4.03 16.85 -29.40
N GLN A 266 3.14 16.69 -30.38
CA GLN A 266 3.27 15.66 -31.40
C GLN A 266 4.06 16.19 -32.60
N PHE A 267 4.68 15.27 -33.32
CA PHE A 267 5.57 15.60 -34.43
C PHE A 267 4.81 16.15 -35.65
#